data_4OYB
#
_entry.id   4OYB
#
_cell.length_a   99.746
_cell.length_b   99.746
_cell.length_c   98.126
_cell.angle_alpha   90.00
_cell.angle_beta   90.00
_cell.angle_gamma   120.00
#
_symmetry.space_group_name_H-M   'P 63'
#
loop_
_entity.id
_entity.type
_entity.pdbx_description
1 polymer 'Adenylate cyclase type 10'
2 non-polymer GLYCEROL
3 non-polymer 'ethyl 2-[3-[(4-azanyl-1,2,5-oxadiazol-3-yl)carbonyl]phenoxy]ethanoate'
4 water water
#
_entity_poly.entity_id   1
_entity_poly.type   'polypeptide(L)'
_entity_poly.pdbx_seq_one_letter_code
;(ACE)MNTPKEEFQDWPIVRIAAHLPDLIVYGHFSPERPFMDYFDGVLMFVDISGFTAMTEKFSSAMYMDRGAEQLVEIL
NYHISAIVEKVLIFGGDILKFAGDALLALWRVERKQLKNIITVVIKCSLEIHGLFETQEWEEGLDIRVKIGLAAGHISML
VFGDETHSHFLVIGQAVDDVRLAQNMAQMNDVILSPNCWQLCDRSMIEIESVPDQRAVKVNFLKPPPNFNFDEFFTKCTT
FMHYYPSGEHKNLLRLA(CME)TLKPDPELEMSLQKYVMESILKQIDNKQLQGYLSELRPVTIVFVNLMFEDQDKAEEIG
PAIQDAYMHITSVLKIFQGQINKVFMFDKGCSFLCVFGFPGEKVPDELTHALECAMDIFDFCSQVHKIQTVSIGVASGIV
FCGIVGHTVRHEYTVIGQKVNLAARMMMYYPGIVTCDSVTYNGSNLPAYFFKELPKKVMKGVADSGPLYQYWGRTEKV
;
_entity_poly.pdbx_strand_id   A
#
# COMPACT_ATOMS: atom_id res chain seq x y z
N MET A 2 -47.50 0.04 -18.29
CA MET A 2 -46.26 -0.72 -18.44
C MET A 2 -45.68 -0.95 -17.05
N ASN A 3 -45.20 -2.16 -16.78
CA ASN A 3 -44.43 -2.41 -15.56
C ASN A 3 -43.14 -1.64 -15.55
N THR A 4 -42.63 -1.38 -14.35
CA THR A 4 -41.35 -0.71 -14.15
C THR A 4 -40.48 -1.57 -13.23
N PRO A 5 -39.94 -2.68 -13.76
CA PRO A 5 -38.98 -3.46 -12.97
C PRO A 5 -37.81 -2.58 -12.55
N LYS A 6 -37.38 -2.71 -11.29
CA LYS A 6 -36.38 -1.81 -10.72
C LYS A 6 -34.98 -2.40 -10.81
N GLU A 7 -34.05 -1.77 -10.09
CA GLU A 7 -32.65 -2.22 -9.93
C GLU A 7 -31.84 -2.18 -11.23
N GLU A 8 -30.96 -1.18 -11.33
CA GLU A 8 -29.90 -1.22 -12.34
C GLU A 8 -29.00 -2.42 -11.99
N PHE A 9 -28.64 -3.21 -13.00
CA PHE A 9 -27.66 -4.29 -12.86
C PHE A 9 -26.32 -3.61 -12.64
N GLN A 10 -25.58 -4.01 -11.61
CA GLN A 10 -24.30 -3.35 -11.36
C GLN A 10 -23.06 -4.29 -11.29
N ASP A 11 -23.14 -5.53 -11.76
CA ASP A 11 -22.01 -6.45 -11.49
C ASP A 11 -21.12 -6.78 -12.71
N TRP A 12 -20.99 -5.82 -13.58
CA TRP A 12 -20.17 -5.95 -14.78
C TRP A 12 -18.67 -6.09 -14.47
N PRO A 13 -17.90 -6.77 -15.34
CA PRO A 13 -16.48 -6.79 -15.19
C PRO A 13 -15.83 -5.44 -14.91
N ILE A 14 -16.26 -4.37 -15.59
CA ILE A 14 -15.61 -3.08 -15.37
C ILE A 14 -15.76 -2.62 -13.91
N VAL A 15 -16.91 -2.90 -13.33
CA VAL A 15 -17.16 -2.53 -11.93
C VAL A 15 -16.29 -3.35 -11.00
N ARG A 16 -16.19 -4.64 -11.29
CA ARG A 16 -15.32 -5.53 -10.49
C ARG A 16 -13.86 -5.11 -10.55
N ILE A 17 -13.39 -4.70 -11.73
CA ILE A 17 -12.06 -4.17 -11.88
C ILE A 17 -11.87 -2.88 -11.04
N ALA A 18 -12.83 -1.98 -11.12
CA ALA A 18 -12.75 -0.71 -10.39
C ALA A 18 -12.66 -0.89 -8.88
N ALA A 19 -13.18 -2.00 -8.33
CA ALA A 19 -12.97 -2.27 -6.90
C ALA A 19 -11.53 -2.30 -6.47
N HIS A 20 -10.66 -2.69 -7.39
CA HIS A 20 -9.22 -2.78 -7.12
C HIS A 20 -8.42 -1.48 -7.20
N LEU A 21 -9.11 -0.36 -7.52
CA LEU A 21 -8.50 0.90 -7.85
C LEU A 21 -9.16 2.09 -7.16
N PRO A 22 -8.35 3.15 -6.87
CA PRO A 22 -8.91 4.33 -6.31
C PRO A 22 -9.60 5.16 -7.40
N ASP A 23 -10.48 6.06 -6.99
CA ASP A 23 -11.09 7.08 -7.84
C ASP A 23 -10.04 7.94 -8.62
N LEU A 24 -8.92 8.15 -7.96
CA LEU A 24 -7.76 8.83 -8.54
C LEU A 24 -7.45 8.25 -9.91
N ILE A 25 -7.57 6.91 -10.04
CA ILE A 25 -7.32 6.23 -11.30
C ILE A 25 -8.62 6.02 -12.11
N VAL A 26 -9.67 5.53 -11.46
CA VAL A 26 -10.91 5.21 -12.15
C VAL A 26 -11.46 6.41 -12.96
N TYR A 27 -11.46 7.57 -12.31
CA TYR A 27 -11.96 8.80 -12.93
C TYR A 27 -10.86 9.73 -13.46
N GLY A 28 -9.65 9.22 -13.57
CA GLY A 28 -8.49 10.05 -13.92
C GLY A 28 -8.34 10.58 -15.34
N HIS A 29 -8.76 9.83 -16.35
CA HIS A 29 -8.49 10.25 -17.77
C HIS A 29 -7.12 10.93 -18.11
N PHE A 30 -6.02 10.19 -18.03
CA PHE A 30 -4.66 10.72 -18.28
C PHE A 30 -4.13 10.48 -19.68
N SER A 31 -3.17 11.31 -20.04
CA SER A 31 -2.38 11.14 -21.26
C SER A 31 -1.71 9.77 -21.31
N PRO A 32 -1.38 9.32 -22.53
CA PRO A 32 -0.77 7.99 -22.71
C PRO A 32 0.75 7.95 -22.41
N GLU A 33 1.43 9.09 -22.40
CA GLU A 33 2.86 9.08 -22.12
C GLU A 33 3.17 8.40 -20.76
N ARG A 34 4.26 7.65 -20.73
CA ARG A 34 4.80 7.11 -19.50
C ARG A 34 6.25 7.56 -19.38
N PRO A 35 6.62 8.23 -18.28
CA PRO A 35 5.81 8.53 -17.12
C PRO A 35 4.81 9.63 -17.37
N PHE A 36 3.74 9.63 -16.58
CA PHE A 36 2.76 10.71 -16.53
C PHE A 36 2.77 11.24 -15.14
N MET A 37 2.89 12.56 -15.02
CA MET A 37 2.80 13.18 -13.72
C MET A 37 1.74 14.25 -13.64
N ASP A 38 1.11 14.35 -12.48
CA ASP A 38 0.21 15.47 -12.22
C ASP A 38 0.38 15.94 -10.79
N TYR A 39 -0.20 17.10 -10.48
CA TYR A 39 0.07 17.76 -9.23
C TYR A 39 -1.24 18.33 -8.69
N PHE A 40 -1.47 18.18 -7.39
CA PHE A 40 -2.66 18.70 -6.72
C PHE A 40 -2.40 18.89 -5.23
N ASP A 41 -3.42 19.25 -4.47
CA ASP A 41 -3.35 19.32 -3.02
C ASP A 41 -4.35 18.39 -2.39
N GLY A 42 -4.09 17.99 -1.15
CA GLY A 42 -4.98 17.11 -0.43
C GLY A 42 -4.57 16.83 0.98
N VAL A 43 -5.42 16.06 1.64
CA VAL A 43 -5.17 15.54 2.96
C VAL A 43 -5.00 14.01 2.83
N LEU A 44 -4.01 13.50 3.52
CA LEU A 44 -3.70 12.07 3.52
C LEU A 44 -3.88 11.48 4.89
N MET A 45 -4.37 10.23 4.91
CA MET A 45 -4.49 9.40 6.09
C MET A 45 -3.75 8.10 5.87
N PHE A 46 -2.85 7.78 6.80
CA PHE A 46 -2.12 6.52 6.78
C PHE A 46 -2.50 5.79 8.03
N VAL A 47 -3.12 4.61 7.87
CA VAL A 47 -3.66 3.84 8.96
C VAL A 47 -2.79 2.60 9.05
N ASP A 48 -2.10 2.51 10.19
CA ASP A 48 -1.24 1.39 10.52
C ASP A 48 -2.10 0.29 11.09
N ILE A 49 -2.15 -0.79 10.34
CA ILE A 49 -2.95 -1.94 10.72
C ILE A 49 -2.07 -3.15 11.03
N SER A 50 -0.78 -2.92 11.30
CA SER A 50 0.12 -4.03 11.64
C SER A 50 -0.33 -4.75 12.90
N GLY A 51 -1.08 -4.06 13.75
CA GLY A 51 -1.57 -4.64 15.00
C GLY A 51 -2.25 -5.99 14.83
N PHE A 52 -3.15 -6.07 13.86
CA PHE A 52 -3.91 -7.31 13.59
C PHE A 52 -3.46 -8.08 12.33
N THR A 53 -2.51 -7.53 11.57
CA THR A 53 -1.89 -8.32 10.49
C THR A 53 -0.55 -8.91 10.93
N ALA A 54 -0.20 -8.70 12.20
CA ALA A 54 0.86 -9.49 12.84
C ALA A 54 0.28 -10.83 13.29
N MET A 55 -1.06 -10.97 13.16
CA MET A 55 -1.79 -12.22 13.48
C MET A 55 -1.44 -13.41 12.58
N THR A 56 -0.74 -13.10 11.49
CA THR A 56 -0.52 -14.01 10.38
C THR A 56 0.26 -15.27 10.77
N GLU A 57 1.28 -15.12 11.59
CA GLU A 57 2.15 -16.27 11.83
C GLU A 57 1.43 -17.33 12.70
N LYS A 58 0.49 -16.88 13.53
CA LYS A 58 -0.35 -17.77 14.33
C LYS A 58 -1.41 -18.54 13.53
N PHE A 59 -1.79 -18.00 12.39
CA PHE A 59 -2.76 -18.70 11.51
C PHE A 59 -2.05 -19.80 10.72
N SER A 60 -0.71 -19.87 10.76
CA SER A 60 -0.02 -21.01 10.14
C SER A 60 0.05 -22.27 11.05
N SER A 61 -0.33 -22.07 12.30
CA SER A 61 -0.46 -23.12 13.31
C SER A 61 -1.42 -24.27 12.93
N ALA A 62 -1.07 -25.47 13.39
CA ALA A 62 -1.89 -26.66 13.15
C ALA A 62 -3.28 -26.53 13.77
N MET A 63 -3.43 -25.62 14.74
CA MET A 63 -4.74 -25.37 15.37
C MET A 63 -5.78 -24.96 14.33
N TYR A 64 -5.35 -24.29 13.28
CA TYR A 64 -6.27 -23.85 12.22
C TYR A 64 -6.60 -24.94 11.16
N MET A 65 -6.04 -26.13 11.32
CA MET A 65 -6.50 -27.30 10.53
C MET A 65 -6.51 -27.09 9.02
N ASP A 66 -5.45 -26.53 8.49
CA ASP A 66 -5.37 -26.29 7.05
C ASP A 66 -6.34 -25.24 6.48
N ARG A 67 -7.08 -24.53 7.34
CA ARG A 67 -7.87 -23.38 6.87
C ARG A 67 -7.35 -22.04 7.43
N GLY A 68 -6.06 -21.99 7.73
CA GLY A 68 -5.43 -20.76 8.21
C GLY A 68 -5.63 -19.57 7.30
N ALA A 69 -5.41 -19.75 5.99
CA ALA A 69 -5.49 -18.64 5.05
C ALA A 69 -6.94 -18.13 4.98
N GLU A 70 -7.87 -19.06 4.92
CA GLU A 70 -9.29 -18.73 4.81
C GLU A 70 -9.77 -17.99 6.07
N GLN A 71 -9.37 -18.48 7.25
CA GLN A 71 -9.71 -17.79 8.48
C GLN A 71 -9.05 -16.43 8.57
N LEU A 72 -7.79 -16.34 8.14
CA LEU A 72 -7.06 -15.09 8.25
C LEU A 72 -7.72 -14.00 7.40
N VAL A 73 -8.00 -14.29 6.15
CA VAL A 73 -8.63 -13.30 5.26
C VAL A 73 -10.00 -12.88 5.77
N GLU A 74 -10.76 -13.85 6.27
CA GLU A 74 -12.09 -13.55 6.82
C GLU A 74 -12.02 -12.53 7.98
N ILE A 75 -11.16 -12.78 8.94
CA ILE A 75 -11.08 -11.90 10.10
C ILE A 75 -10.44 -10.56 9.74
N LEU A 76 -9.41 -10.60 8.90
CA LEU A 76 -8.76 -9.34 8.48
C LEU A 76 -9.77 -8.47 7.75
N ASN A 77 -10.47 -9.06 6.78
CA ASN A 77 -11.49 -8.33 6.02
C ASN A 77 -12.65 -7.82 6.87
N TYR A 78 -13.03 -8.57 7.89
CA TYR A 78 -14.06 -8.08 8.80
C TYR A 78 -13.66 -6.70 9.40
N HIS A 79 -12.45 -6.61 9.92
CA HIS A 79 -11.95 -5.39 10.52
C HIS A 79 -11.60 -4.34 9.50
N ILE A 80 -10.89 -4.73 8.44
CA ILE A 80 -10.46 -3.73 7.45
C ILE A 80 -11.68 -3.15 6.72
N SER A 81 -12.69 -3.98 6.44
CA SER A 81 -13.93 -3.51 5.83
C SER A 81 -14.57 -2.34 6.53
N ALA A 82 -14.55 -2.39 7.86
CA ALA A 82 -15.15 -1.38 8.70
C ALA A 82 -14.36 -0.07 8.59
N ILE A 83 -13.04 -0.16 8.52
CA ILE A 83 -12.19 1.01 8.32
C ILE A 83 -12.47 1.64 6.95
N VAL A 84 -12.52 0.78 5.95
CA VAL A 84 -12.79 1.25 4.59
C VAL A 84 -14.14 1.98 4.51
N GLU A 85 -15.18 1.41 5.10
CA GLU A 85 -16.47 2.04 5.06
C GLU A 85 -16.42 3.42 5.67
N LYS A 86 -15.73 3.56 6.80
CA LYS A 86 -15.59 4.88 7.45
C LYS A 86 -14.94 5.90 6.53
N VAL A 87 -13.81 5.51 5.94
CA VAL A 87 -13.12 6.37 5.01
C VAL A 87 -14.04 6.80 3.88
N LEU A 88 -14.75 5.83 3.29
CA LEU A 88 -15.58 6.13 2.15
C LEU A 88 -16.77 7.02 2.50
N ILE A 89 -17.42 6.75 3.62
CA ILE A 89 -18.57 7.58 4.03
C ILE A 89 -18.16 9.00 4.36
N PHE A 90 -16.94 9.17 4.84
CA PHE A 90 -16.36 10.50 5.13
C PHE A 90 -15.76 11.18 3.90
N GLY A 91 -15.89 10.54 2.72
CA GLY A 91 -15.53 11.19 1.46
C GLY A 91 -14.12 10.94 0.91
N GLY A 92 -13.38 10.00 1.52
CA GLY A 92 -12.00 9.73 1.14
C GLY A 92 -11.88 8.66 0.05
N ASP A 93 -10.70 8.56 -0.54
CA ASP A 93 -10.36 7.68 -1.62
C ASP A 93 -9.26 6.80 -1.06
N ILE A 94 -9.53 5.48 -0.99
CA ILE A 94 -8.49 4.55 -0.52
C ILE A 94 -7.53 4.35 -1.69
N LEU A 95 -6.29 4.78 -1.56
CA LEU A 95 -5.28 4.67 -2.65
C LEU A 95 -4.68 3.27 -2.83
N LYS A 96 -4.16 2.68 -1.74
CA LYS A 96 -3.58 1.31 -1.75
C LYS A 96 -3.64 0.69 -0.39
N PHE A 97 -3.62 -0.63 -0.40
CA PHE A 97 -3.51 -1.47 0.78
C PHE A 97 -2.14 -2.13 0.75
N ALA A 98 -1.55 -2.29 1.94
CA ALA A 98 -0.40 -3.17 2.15
C ALA A 98 -0.64 -3.96 3.44
N GLY A 99 0.10 -5.04 3.64
CA GLY A 99 -0.06 -5.84 4.84
C GLY A 99 -0.11 -5.07 6.17
N ASP A 100 0.68 -3.99 6.27
CA ASP A 100 0.75 -3.24 7.52
C ASP A 100 0.07 -1.87 7.49
N ALA A 101 -0.42 -1.42 6.33
CA ALA A 101 -1.16 -0.18 6.25
C ALA A 101 -2.22 -0.03 5.10
N LEU A 102 -3.03 1.02 5.20
CA LEU A 102 -3.71 1.53 4.01
C LEU A 102 -3.53 3.05 4.02
N LEU A 103 -3.52 3.62 2.82
CA LEU A 103 -3.33 5.03 2.59
C LEU A 103 -4.57 5.58 1.92
N ALA A 104 -5.13 6.65 2.48
CA ALA A 104 -6.32 7.32 1.89
C ALA A 104 -6.08 8.79 1.63
N LEU A 105 -6.80 9.31 0.63
CA LEU A 105 -6.63 10.67 0.12
C LEU A 105 -7.97 11.39 0.03
N TRP A 106 -7.98 12.65 0.48
CA TRP A 106 -9.05 13.58 0.20
C TRP A 106 -8.41 14.68 -0.65
N ARG A 107 -8.66 14.63 -1.96
CA ARG A 107 -8.11 15.61 -2.87
C ARG A 107 -9.07 16.79 -2.87
N VAL A 108 -8.54 17.98 -2.68
CA VAL A 108 -9.41 19.15 -2.68
C VAL A 108 -8.65 20.38 -3.11
N GLU A 109 -9.39 21.40 -3.55
CA GLU A 109 -8.75 22.68 -3.84
C GLU A 109 -8.10 23.25 -2.59
N ARG A 110 -7.01 23.95 -2.82
CA ARG A 110 -6.17 24.45 -1.75
C ARG A 110 -6.95 25.20 -0.65
N LYS A 111 -7.89 26.04 -1.04
CA LYS A 111 -8.71 26.81 -0.09
C LYS A 111 -9.59 25.98 0.86
N GLN A 112 -9.82 24.73 0.52
CA GLN A 112 -10.66 23.89 1.35
C GLN A 112 -9.87 22.95 2.23
N LEU A 113 -8.56 23.00 2.18
CA LEU A 113 -7.74 22.09 3.01
C LEU A 113 -8.10 22.21 4.48
N LYS A 114 -8.25 23.45 4.97
CA LYS A 114 -8.59 23.66 6.38
C LYS A 114 -9.83 22.89 6.82
N ASN A 115 -10.95 23.07 6.13
CA ASN A 115 -12.15 22.36 6.50
C ASN A 115 -12.07 20.83 6.29
N ILE A 116 -11.39 20.42 5.24
CA ILE A 116 -11.25 18.98 4.99
C ILE A 116 -10.43 18.30 6.07
N ILE A 117 -9.39 18.95 6.58
CA ILE A 117 -8.66 18.37 7.71
C ILE A 117 -9.61 18.07 8.86
N THR A 118 -10.53 18.99 9.14
CA THR A 118 -11.49 18.75 10.19
C THR A 118 -12.30 17.48 9.93
N VAL A 119 -12.79 17.33 8.71
CA VAL A 119 -13.48 16.08 8.32
C VAL A 119 -12.62 14.82 8.56
N VAL A 120 -11.37 14.88 8.14
CA VAL A 120 -10.47 13.73 8.24
C VAL A 120 -10.11 13.42 9.69
N ILE A 121 -9.99 14.45 10.54
CA ILE A 121 -9.76 14.21 11.96
C ILE A 121 -10.95 13.47 12.56
N LYS A 122 -12.15 13.93 12.27
CA LYS A 122 -13.36 13.29 12.75
C LYS A 122 -13.45 11.85 12.29
N CYS A 123 -13.18 11.64 10.99
CA CYS A 123 -13.11 10.27 10.48
C CYS A 123 -12.13 9.41 11.27
N SER A 124 -10.92 9.94 11.52
CA SER A 124 -9.87 9.24 12.26
C SER A 124 -10.33 8.83 13.65
N LEU A 125 -10.97 9.75 14.35
CA LEU A 125 -11.50 9.42 15.67
C LEU A 125 -12.61 8.36 15.64
N GLU A 126 -13.47 8.38 14.62
CA GLU A 126 -14.49 7.35 14.52
C GLU A 126 -13.88 6.00 14.17
N ILE A 127 -12.80 6.01 13.40
CA ILE A 127 -12.06 4.76 13.16
C ILE A 127 -11.54 4.16 14.47
N HIS A 128 -10.83 4.97 15.26
CA HIS A 128 -10.39 4.47 16.57
C HIS A 128 -11.58 3.95 17.39
N GLY A 129 -12.72 4.63 17.32
CA GLY A 129 -13.94 4.26 18.03
C GLY A 129 -14.50 2.89 17.69
N LEU A 130 -14.20 2.40 16.48
CA LEU A 130 -14.56 1.05 16.08
C LEU A 130 -13.90 -0.01 16.96
N PHE A 131 -12.71 0.29 17.47
CA PHE A 131 -11.85 -0.73 18.09
C PHE A 131 -11.69 -0.59 19.60
N GLU A 132 -12.46 0.32 20.20
CA GLU A 132 -12.27 0.68 21.62
C GLU A 132 -12.37 -0.52 22.59
N THR A 133 -13.40 -1.33 22.43
CA THR A 133 -13.49 -2.59 23.18
C THR A 133 -13.62 -3.76 22.21
N GLN A 134 -12.52 -4.03 21.54
CA GLN A 134 -12.38 -5.16 20.63
C GLN A 134 -11.03 -5.81 20.85
N GLU A 135 -10.90 -7.09 20.49
CA GLU A 135 -9.72 -7.90 20.80
C GLU A 135 -9.77 -9.23 20.05
N TRP A 136 -8.94 -10.19 20.46
CA TRP A 136 -9.23 -11.62 20.27
C TRP A 136 -8.55 -12.49 21.33
N GLU A 137 -8.94 -13.76 21.35
CA GLU A 137 -8.29 -14.81 22.14
C GLU A 137 -7.80 -14.34 23.52
N GLU A 138 -8.57 -13.46 24.15
CA GLU A 138 -8.23 -12.85 25.45
C GLU A 138 -7.08 -11.84 25.33
N GLY A 139 -5.95 -12.28 24.77
CA GLY A 139 -4.78 -11.41 24.59
C GLY A 139 -4.98 -10.30 23.57
N LEU A 140 -4.53 -10.54 22.34
CA LEU A 140 -4.50 -9.53 21.27
C LEU A 140 -5.63 -8.49 21.32
N ASP A 141 -5.27 -7.23 21.52
CA ASP A 141 -6.24 -6.13 21.68
C ASP A 141 -6.83 -5.57 20.37
N ILE A 142 -6.06 -5.56 19.29
CA ILE A 142 -6.57 -5.08 17.99
C ILE A 142 -7.02 -3.60 18.04
N ARG A 143 -6.08 -2.74 17.64
CA ARG A 143 -6.22 -1.29 17.56
C ARG A 143 -5.38 -0.76 16.37
N VAL A 144 -5.55 0.52 16.04
CA VAL A 144 -4.78 1.12 14.94
C VAL A 144 -4.03 2.38 15.36
N LYS A 145 -3.17 2.86 14.47
CA LYS A 145 -2.40 4.09 14.64
C LYS A 145 -2.57 4.90 13.37
N ILE A 146 -2.84 6.21 13.51
CA ILE A 146 -3.18 7.05 12.36
C ILE A 146 -2.24 8.24 12.32
N GLY A 147 -1.67 8.46 11.13
CA GLY A 147 -1.00 9.70 10.80
C GLY A 147 -1.76 10.45 9.73
N LEU A 148 -1.85 11.78 9.87
CA LEU A 148 -2.49 12.64 8.87
C LEU A 148 -1.47 13.68 8.38
N ALA A 149 -1.58 14.03 7.11
CA ALA A 149 -0.71 15.00 6.47
C ALA A 149 -1.54 15.81 5.50
N ALA A 150 -1.05 16.97 5.10
CA ALA A 150 -1.75 17.79 4.13
C ALA A 150 -0.77 18.66 3.40
N GLY A 151 -1.09 18.98 2.16
CA GLY A 151 -0.29 19.88 1.34
C GLY A 151 -0.19 19.43 -0.10
N HIS A 152 0.92 19.79 -0.74
CA HIS A 152 1.13 19.51 -2.14
C HIS A 152 1.38 18.01 -2.32
N ILE A 153 0.75 17.42 -3.32
CA ILE A 153 0.91 15.98 -3.65
C ILE A 153 1.16 15.85 -5.14
N SER A 154 2.15 15.03 -5.53
CA SER A 154 2.40 14.71 -6.95
C SER A 154 1.93 13.27 -7.18
N MET A 155 1.43 12.98 -8.37
CA MET A 155 1.05 11.63 -8.76
C MET A 155 1.92 11.25 -9.92
N LEU A 156 2.36 10.00 -9.92
CA LEU A 156 3.11 9.42 -10.98
C LEU A 156 2.39 8.15 -11.44
N VAL A 157 2.17 8.05 -12.74
CA VAL A 157 1.77 6.84 -13.39
C VAL A 157 2.90 6.38 -14.31
N PHE A 158 3.27 5.11 -14.16
CA PHE A 158 4.34 4.53 -14.95
C PHE A 158 3.90 3.15 -15.43
N GLY A 159 4.60 2.63 -16.42
CA GLY A 159 4.30 1.31 -16.99
C GLY A 159 4.58 1.19 -18.47
N ASP A 160 4.11 0.10 -19.04
CA ASP A 160 4.30 -0.18 -20.46
C ASP A 160 2.95 -0.31 -21.15
N GLU A 161 2.91 -1.03 -22.27
CA GLU A 161 1.70 -1.08 -23.06
C GLU A 161 0.65 -2.02 -22.44
N THR A 162 1.06 -2.87 -21.51
CA THR A 162 0.16 -3.90 -20.94
C THR A 162 -0.08 -3.70 -19.43
N HIS A 163 0.84 -3.04 -18.72
CA HIS A 163 0.77 -2.86 -17.27
C HIS A 163 1.01 -1.44 -16.84
N SER A 164 0.25 -0.97 -15.84
CA SER A 164 0.39 0.34 -15.25
C SER A 164 0.47 0.27 -13.72
N HIS A 165 1.15 1.24 -13.15
CA HIS A 165 1.27 1.44 -11.72
C HIS A 165 1.19 2.89 -11.44
N PHE A 166 0.72 3.23 -10.26
CA PHE A 166 0.77 4.61 -9.79
C PHE A 166 1.35 4.71 -8.37
N LEU A 167 1.82 5.92 -8.10
CA LEU A 167 2.26 6.37 -6.80
C LEU A 167 1.86 7.81 -6.56
N VAL A 168 1.58 8.14 -5.31
CA VAL A 168 1.65 9.52 -4.90
C VAL A 168 2.97 9.74 -4.19
N ILE A 169 3.53 10.92 -4.41
CA ILE A 169 4.82 11.29 -3.81
C ILE A 169 4.89 12.73 -3.36
N GLY A 170 5.99 13.07 -2.69
CA GLY A 170 6.26 14.42 -2.26
C GLY A 170 6.30 14.55 -0.76
N GLN A 171 6.42 15.78 -0.28
CA GLN A 171 6.64 16.01 1.16
C GLN A 171 5.43 15.61 1.97
N ALA A 172 4.22 15.90 1.51
CA ALA A 172 3.01 15.49 2.25
C ALA A 172 2.94 13.97 2.39
N VAL A 173 3.31 13.27 1.33
CA VAL A 173 3.39 11.82 1.37
C VAL A 173 4.45 11.34 2.39
N ASP A 174 5.64 11.90 2.32
CA ASP A 174 6.69 11.61 3.32
C ASP A 174 6.17 11.90 4.72
N ASP A 175 5.54 13.04 4.87
CA ASP A 175 4.98 13.49 6.16
C ASP A 175 4.01 12.49 6.76
N VAL A 176 3.14 11.90 5.94
CA VAL A 176 2.10 11.05 6.50
C VAL A 176 2.72 9.79 7.11
N ARG A 177 3.78 9.32 6.47
CA ARG A 177 4.52 8.16 6.97
CA ARG A 177 4.53 8.16 6.96
C ARG A 177 5.21 8.49 8.29
N LEU A 178 5.89 9.62 8.31
CA LEU A 178 6.57 10.09 9.52
C LEU A 178 5.56 10.23 10.68
N ALA A 179 4.45 10.90 10.40
CA ALA A 179 3.36 11.04 11.36
C ALA A 179 2.83 9.70 11.90
N GLN A 180 2.49 8.78 11.01
CA GLN A 180 1.95 7.49 11.45
C GLN A 180 2.98 6.69 12.29
N ASN A 181 4.25 6.79 11.92
CA ASN A 181 5.35 6.10 12.62
C ASN A 181 5.46 6.54 14.10
N MET A 182 5.19 7.83 14.35
CA MET A 182 5.17 8.44 15.71
C MET A 182 3.94 8.07 16.54
N ALA A 183 2.87 7.63 15.88
CA ALA A 183 1.63 7.31 16.59
C ALA A 183 1.80 6.03 17.40
N GLN A 184 1.23 6.03 18.60
CA GLN A 184 1.04 4.82 19.40
C GLN A 184 -0.36 4.34 19.10
N MET A 185 -0.69 3.14 19.56
CA MET A 185 -2.06 2.64 19.49
CA MET A 185 -2.06 2.66 19.46
C MET A 185 -3.01 3.74 19.96
N ASN A 186 -4.09 3.95 19.18
CA ASN A 186 -5.13 4.91 19.47
C ASN A 186 -4.82 6.37 19.15
N ASP A 187 -3.62 6.67 18.66
CA ASP A 187 -3.23 8.07 18.40
C ASP A 187 -3.64 8.51 16.99
N VAL A 188 -3.93 9.80 16.88
CA VAL A 188 -4.00 10.53 15.61
C VAL A 188 -2.93 11.60 15.68
N ILE A 189 -1.92 11.46 14.82
CA ILE A 189 -0.80 12.39 14.73
C ILE A 189 -0.93 13.22 13.47
N LEU A 190 -0.76 14.55 13.60
CA LEU A 190 -0.78 15.49 12.49
C LEU A 190 0.61 15.91 12.08
N SER A 191 0.93 15.85 10.79
CA SER A 191 2.19 16.39 10.27
C SER A 191 2.33 17.87 10.69
N PRO A 192 3.57 18.39 10.77
CA PRO A 192 3.72 19.85 11.00
C PRO A 192 2.86 20.70 10.07
N ASN A 193 2.91 20.44 8.76
CA ASN A 193 2.11 21.21 7.81
C ASN A 193 0.60 21.07 7.98
N CYS A 194 0.15 19.86 8.28
CA CYS A 194 -1.26 19.61 8.61
C CYS A 194 -1.70 20.46 9.79
N TRP A 195 -0.89 20.44 10.84
CA TRP A 195 -1.13 21.33 12.00
C TRP A 195 -1.13 22.81 11.61
N GLN A 196 -0.19 23.20 10.76
CA GLN A 196 -0.16 24.60 10.24
C GLN A 196 -1.44 25.02 9.51
N LEU A 197 -2.03 24.07 8.79
CA LEU A 197 -3.12 24.39 7.89
C LEU A 197 -4.49 24.16 8.50
N CYS A 198 -4.54 23.50 9.65
CA CYS A 198 -5.81 23.05 10.19
C CYS A 198 -6.57 24.15 10.92
N ASP A 199 -7.81 23.83 11.26
CA ASP A 199 -8.68 24.74 12.00
C ASP A 199 -8.41 24.57 13.49
N ARG A 200 -7.49 25.37 14.01
CA ARG A 200 -7.04 25.21 15.39
C ARG A 200 -8.12 25.44 16.44
N SER A 201 -9.22 26.07 16.07
CA SER A 201 -10.38 26.24 16.95
C SER A 201 -11.12 24.93 17.23
N MET A 202 -10.95 23.95 16.36
CA MET A 202 -11.71 22.71 16.44
C MET A 202 -11.08 21.70 17.41
N ILE A 203 -9.78 21.81 17.63
CA ILE A 203 -9.07 20.71 18.26
C ILE A 203 -8.14 21.15 19.37
N GLU A 204 -7.77 20.19 20.20
CA GLU A 204 -6.75 20.39 21.22
C GLU A 204 -5.66 19.38 20.93
N ILE A 205 -4.42 19.84 20.89
CA ILE A 205 -3.27 18.99 20.59
C ILE A 205 -2.26 19.01 21.71
N GLU A 206 -1.28 18.11 21.60
CA GLU A 206 -0.09 18.23 22.40
C GLU A 206 1.14 17.96 21.54
N SER A 207 2.26 18.48 22.05
CA SER A 207 3.55 18.35 21.42
C SER A 207 3.96 16.90 21.39
N VAL A 208 4.81 16.58 20.43
CA VAL A 208 5.46 15.28 20.36
C VAL A 208 6.94 15.57 20.55
N PRO A 209 7.55 15.02 21.62
CA PRO A 209 8.94 15.32 21.96
C PRO A 209 9.92 15.13 20.80
N ASP A 210 10.82 16.10 20.64
CA ASP A 210 11.82 16.11 19.55
C ASP A 210 11.15 16.06 18.17
N GLN A 211 9.95 16.62 18.07
CA GLN A 211 9.18 16.59 16.82
C GLN A 211 8.26 17.81 16.72
N ARG A 212 8.11 18.32 15.50
CA ARG A 212 7.15 19.40 15.23
C ARG A 212 5.75 18.87 14.88
N ALA A 213 5.63 17.55 14.65
CA ALA A 213 4.30 16.95 14.44
C ALA A 213 3.54 17.09 15.74
N VAL A 214 2.22 17.00 15.71
CA VAL A 214 1.43 17.07 16.95
C VAL A 214 0.45 15.91 17.09
N LYS A 215 0.10 15.60 18.33
CA LYS A 215 -0.91 14.60 18.63
C LYS A 215 -2.24 15.29 18.91
N VAL A 216 -3.32 14.74 18.36
CA VAL A 216 -4.68 15.25 18.60
C VAL A 216 -5.14 14.65 19.90
N ASN A 217 -5.45 15.50 20.88
CA ASN A 217 -6.03 15.00 22.10
C ASN A 217 -7.52 14.98 21.98
N PHE A 218 -8.10 16.07 21.47
CA PHE A 218 -9.55 16.20 21.36
C PHE A 218 -9.99 17.03 20.15
N LEU A 219 -11.17 16.69 19.67
CA LEU A 219 -11.90 17.48 18.69
C LEU A 219 -13.05 18.09 19.49
N LYS A 220 -12.90 19.39 19.76
CA LYS A 220 -13.82 20.15 20.60
C LYS A 220 -14.29 21.35 19.77
N PRO A 221 -15.40 21.18 19.05
CA PRO A 221 -15.88 22.20 18.13
C PRO A 221 -16.57 23.34 18.90
N PRO A 222 -16.69 24.53 18.28
CA PRO A 222 -17.48 25.61 18.87
C PRO A 222 -18.92 25.24 19.28
N PRO A 223 -19.47 25.97 20.27
CA PRO A 223 -20.81 25.79 20.78
C PRO A 223 -21.90 25.48 19.78
N ASN A 224 -21.98 26.20 18.66
CA ASN A 224 -23.11 25.99 17.74
C ASN A 224 -22.73 25.18 16.46
N PHE A 225 -21.63 24.45 16.54
CA PHE A 225 -21.16 23.61 15.43
C PHE A 225 -22.06 22.39 15.29
N ASN A 226 -22.30 22.01 14.03
CA ASN A 226 -23.07 20.81 13.74
C ASN A 226 -22.31 20.03 12.68
N PHE A 227 -21.72 18.90 13.05
CA PHE A 227 -20.82 18.23 12.13
C PHE A 227 -21.51 17.82 10.82
N ASP A 228 -22.72 17.30 10.94
CA ASP A 228 -23.46 16.86 9.74
C ASP A 228 -23.70 18.02 8.76
N GLU A 229 -24.11 19.18 9.25
CA GLU A 229 -24.24 20.35 8.38
C GLU A 229 -22.91 20.79 7.80
N PHE A 230 -21.85 20.74 8.63
CA PHE A 230 -20.50 21.09 8.19
C PHE A 230 -20.05 20.12 7.09
N PHE A 231 -20.30 18.84 7.33
CA PHE A 231 -19.92 17.82 6.35
C PHE A 231 -20.64 18.08 5.03
N THR A 232 -21.94 18.34 5.09
CA THR A 232 -22.71 18.60 3.88
C THR A 232 -22.11 19.77 3.08
N LYS A 233 -21.70 20.83 3.76
CA LYS A 233 -21.06 21.97 3.09
C LYS A 233 -19.78 21.49 2.40
N CYS A 234 -19.03 20.65 3.11
CA CYS A 234 -17.78 20.12 2.59
C CYS A 234 -17.98 19.26 1.31
N THR A 235 -19.12 18.59 1.20
CA THR A 235 -19.37 17.71 0.02
C THR A 235 -19.45 18.50 -1.28
N THR A 236 -19.67 19.82 -1.20
CA THR A 236 -19.65 20.68 -2.37
C THR A 236 -18.38 20.55 -3.16
N PHE A 237 -17.29 20.31 -2.44
CA PHE A 237 -15.95 20.22 -3.01
C PHE A 237 -15.48 18.78 -3.22
N MET A 238 -16.38 17.80 -3.06
CA MET A 238 -16.07 16.37 -3.22
C MET A 238 -16.72 15.85 -4.49
N HIS A 239 -15.90 15.72 -5.52
CA HIS A 239 -16.38 15.53 -6.91
C HIS A 239 -17.22 14.27 -7.05
N TYR A 240 -16.79 13.20 -6.39
CA TYR A 240 -17.42 11.88 -6.60
C TYR A 240 -18.22 11.33 -5.44
N TYR A 241 -18.60 12.18 -4.48
CA TYR A 241 -19.34 11.73 -3.31
C TYR A 241 -20.71 11.22 -3.73
N PRO A 242 -21.04 9.94 -3.43
CA PRO A 242 -22.33 9.38 -3.86
C PRO A 242 -23.49 10.20 -3.35
N SER A 243 -24.37 10.58 -4.27
CA SER A 243 -25.44 11.52 -3.95
C SER A 243 -26.69 11.29 -4.77
N GLY A 244 -27.76 11.98 -4.35
CA GLY A 244 -29.04 11.86 -5.07
C GLY A 244 -29.53 10.42 -5.13
N GLU A 245 -29.85 9.99 -6.34
CA GLU A 245 -30.29 8.62 -6.63
CA GLU A 245 -30.28 8.62 -6.63
C GLU A 245 -29.27 7.60 -6.14
N HIS A 246 -28.00 8.00 -6.03
CA HIS A 246 -26.92 7.08 -5.62
C HIS A 246 -26.38 7.30 -4.23
N LYS A 247 -27.13 8.02 -3.39
CA LYS A 247 -26.68 8.26 -2.02
C LYS A 247 -26.59 6.96 -1.16
N ASN A 248 -27.19 5.88 -1.64
CA ASN A 248 -27.14 4.57 -0.91
C ASN A 248 -25.89 3.74 -1.21
N LEU A 249 -25.04 4.23 -2.10
CA LEU A 249 -23.84 3.49 -2.52
C LEU A 249 -22.62 4.00 -1.80
N LEU A 250 -21.67 3.11 -1.57
CA LEU A 250 -20.42 3.52 -0.97
C LEU A 250 -19.45 4.19 -1.95
N ARG A 251 -19.57 3.87 -3.24
CA ARG A 251 -18.70 4.42 -4.29
C ARG A 251 -19.49 4.68 -5.54
N LEU A 252 -19.29 5.86 -6.13
CA LEU A 252 -19.75 6.12 -7.51
C LEU A 252 -19.27 5.04 -8.46
N ALA A 253 -18.09 4.49 -8.22
CA ALA A 253 -17.52 3.49 -9.11
C ALA A 253 -18.43 2.25 -9.25
N THR A 255 -21.37 2.36 -10.06
CA THR A 255 -22.28 2.73 -11.14
C THR A 255 -21.64 2.71 -12.53
N LEU A 256 -20.35 2.34 -12.63
CA LEU A 256 -19.66 2.33 -13.90
C LEU A 256 -20.34 1.42 -14.90
N LYS A 257 -20.47 1.87 -16.12
CA LYS A 257 -21.07 1.04 -17.13
C LYS A 257 -20.00 0.58 -18.10
N PRO A 258 -20.27 -0.53 -18.77
CA PRO A 258 -19.33 -1.01 -19.80
C PRO A 258 -18.87 0.07 -20.76
N ASP A 259 -17.58 0.03 -21.04
CA ASP A 259 -16.85 1.03 -21.79
C ASP A 259 -15.53 0.37 -22.11
N PRO A 260 -15.42 -0.27 -23.29
CA PRO A 260 -14.19 -1.02 -23.59
C PRO A 260 -12.88 -0.23 -23.51
N GLU A 261 -12.89 1.03 -23.92
CA GLU A 261 -11.67 1.85 -23.85
C GLU A 261 -11.24 2.09 -22.37
N LEU A 262 -12.22 2.37 -21.54
CA LEU A 262 -11.93 2.57 -20.10
C LEU A 262 -11.47 1.27 -19.46
N GLU A 263 -12.15 0.18 -19.78
CA GLU A 263 -11.77 -1.10 -19.19
C GLU A 263 -10.38 -1.51 -19.62
N MET A 264 -10.03 -1.26 -20.89
CA MET A 264 -8.65 -1.50 -21.34
C MET A 264 -7.59 -0.79 -20.48
N SER A 265 -7.86 0.46 -20.18
CA SER A 265 -6.99 1.26 -19.35
C SER A 265 -6.94 0.75 -17.90
N LEU A 266 -8.08 0.47 -17.30
CA LEU A 266 -8.08 0.04 -15.91
C LEU A 266 -7.49 -1.35 -15.66
N GLN A 267 -7.70 -2.28 -16.57
CA GLN A 267 -7.22 -3.65 -16.35
C GLN A 267 -5.72 -3.71 -16.27
N LYS A 268 -5.02 -2.72 -16.84
CA LYS A 268 -3.54 -2.72 -16.83
C LYS A 268 -2.97 -2.63 -15.42
N TYR A 269 -3.76 -2.13 -14.47
CA TYR A 269 -3.32 -2.01 -13.08
C TYR A 269 -3.50 -3.29 -12.24
N VAL A 270 -4.15 -4.30 -12.78
CA VAL A 270 -4.67 -5.44 -12.04
C VAL A 270 -4.00 -6.70 -12.57
N MET A 271 -3.53 -7.52 -11.65
CA MET A 271 -2.83 -8.74 -12.02
C MET A 271 -3.74 -9.68 -12.80
N GLU A 272 -3.13 -10.41 -13.74
CA GLU A 272 -3.89 -11.30 -14.62
C GLU A 272 -4.69 -12.38 -13.85
N SER A 273 -4.14 -12.88 -12.74
CA SER A 273 -4.87 -13.89 -11.96
C SER A 273 -6.14 -13.31 -11.32
N ILE A 274 -6.08 -12.03 -10.99
CA ILE A 274 -7.26 -11.35 -10.44
C ILE A 274 -8.31 -11.17 -11.55
N LEU A 275 -7.85 -10.77 -12.73
CA LEU A 275 -8.75 -10.61 -13.88
C LEU A 275 -9.43 -11.95 -14.18
N LYS A 276 -8.70 -13.07 -14.07
CA LYS A 276 -9.29 -14.39 -14.29
C LYS A 276 -10.48 -14.66 -13.36
N GLN A 277 -10.31 -14.34 -12.08
CA GLN A 277 -11.40 -14.45 -11.08
C GLN A 277 -12.55 -13.52 -11.45
N ILE A 278 -12.21 -12.29 -11.79
CA ILE A 278 -13.23 -11.30 -12.20
C ILE A 278 -14.09 -11.77 -13.36
N ASP A 279 -13.44 -12.48 -14.27
CA ASP A 279 -14.10 -13.01 -15.48
C ASP A 279 -14.81 -14.36 -15.23
N ASN A 280 -14.89 -14.75 -13.96
CA ASN A 280 -15.49 -16.04 -13.57
C ASN A 280 -14.88 -17.24 -14.29
N LYS A 281 -13.56 -17.18 -14.50
CA LYS A 281 -12.79 -18.27 -15.09
C LYS A 281 -11.89 -18.95 -14.08
N GLN A 282 -12.04 -18.55 -12.80
CA GLN A 282 -11.32 -19.15 -11.68
C GLN A 282 -12.18 -18.96 -10.46
N LEU A 283 -12.09 -19.94 -9.57
CA LEU A 283 -12.92 -19.95 -8.36
C LEU A 283 -12.57 -18.76 -7.48
N GLN A 284 -13.57 -18.19 -6.82
CA GLN A 284 -13.46 -16.89 -6.13
C GLN A 284 -12.57 -16.95 -4.93
N GLY A 285 -12.34 -18.15 -4.40
CA GLY A 285 -11.45 -18.32 -3.26
C GLY A 285 -10.07 -18.87 -3.55
N TYR A 286 -9.72 -19.07 -4.83
CA TYR A 286 -8.47 -19.67 -5.28
C TYR A 286 -7.25 -18.87 -4.80
N LEU A 287 -7.39 -17.56 -4.73
CA LEU A 287 -6.25 -16.71 -4.39
C LEU A 287 -6.00 -16.52 -2.89
N SER A 288 -6.87 -17.03 -2.02
CA SER A 288 -6.63 -16.95 -0.58
C SER A 288 -5.80 -18.16 -0.20
N GLU A 289 -4.54 -17.95 0.13
CA GLU A 289 -3.67 -19.09 0.41
C GLU A 289 -2.48 -18.74 1.29
N LEU A 290 -2.00 -19.73 2.02
CA LEU A 290 -0.68 -19.68 2.65
C LEU A 290 0.23 -20.46 1.73
N ARG A 291 1.17 -19.76 1.13
CA ARG A 291 1.91 -20.23 -0.01
C ARG A 291 3.40 -19.98 0.21
N PRO A 292 4.27 -20.95 -0.11
CA PRO A 292 5.69 -20.61 -0.10
C PRO A 292 6.08 -19.79 -1.33
N VAL A 293 6.75 -18.66 -1.07
CA VAL A 293 7.20 -17.75 -2.09
C VAL A 293 8.60 -17.22 -1.80
N THR A 294 9.16 -16.56 -2.80
CA THR A 294 10.36 -15.74 -2.56
C THR A 294 10.02 -14.28 -2.83
N ILE A 295 10.26 -13.44 -1.82
CA ILE A 295 10.05 -12.02 -1.88
C ILE A 295 11.36 -11.36 -2.33
N VAL A 296 11.29 -10.54 -3.38
CA VAL A 296 12.41 -9.68 -3.79
C VAL A 296 11.95 -8.24 -3.68
N PHE A 297 12.46 -7.58 -2.66
CA PHE A 297 12.00 -6.25 -2.31
C PHE A 297 13.10 -5.28 -2.76
N VAL A 298 12.78 -4.47 -3.77
CA VAL A 298 13.73 -3.58 -4.42
C VAL A 298 13.48 -2.14 -3.97
N ASN A 299 14.51 -1.48 -3.42
CA ASN A 299 14.43 -0.09 -3.06
C ASN A 299 15.37 0.76 -3.90
N LEU A 300 14.80 1.84 -4.42
CA LEU A 300 15.51 2.80 -5.25
C LEU A 300 15.53 4.12 -4.51
N MET A 301 16.73 4.61 -4.16
CA MET A 301 16.92 5.93 -3.52
C MET A 301 17.44 6.92 -4.55
N PHE A 302 16.90 8.13 -4.56
CA PHE A 302 17.19 9.08 -5.65
C PHE A 302 18.16 10.19 -5.29
N GLU A 303 18.95 10.60 -6.30
CA GLU A 303 19.98 11.64 -6.14
C GLU A 303 19.38 12.88 -5.49
N ASP A 304 18.31 13.40 -6.09
CA ASP A 304 17.47 14.41 -5.42
C ASP A 304 16.13 13.81 -5.03
N GLN A 305 15.99 13.52 -3.75
CA GLN A 305 14.79 12.84 -3.20
C GLN A 305 13.47 13.61 -3.35
N ASP A 306 13.55 14.91 -3.63
CA ASP A 306 12.39 15.79 -3.64
C ASP A 306 11.98 16.29 -5.04
N LYS A 307 12.69 15.87 -6.10
CA LYS A 307 12.38 16.40 -7.45
C LYS A 307 11.57 15.43 -8.31
N ALA A 308 10.25 15.55 -8.24
CA ALA A 308 9.31 14.69 -8.98
C ALA A 308 9.61 14.56 -10.48
N GLU A 309 10.04 15.66 -11.08
CA GLU A 309 10.34 15.74 -12.52
C GLU A 309 11.49 14.85 -12.89
N GLU A 310 12.38 14.63 -11.93
CA GLU A 310 13.53 13.74 -12.10
C GLU A 310 13.23 12.30 -11.67
N ILE A 311 12.43 12.12 -10.62
CA ILE A 311 12.26 10.75 -10.14
C ILE A 311 11.34 9.97 -11.09
N GLY A 312 10.38 10.66 -11.69
CA GLY A 312 9.43 10.02 -12.62
C GLY A 312 10.05 9.19 -13.73
N PRO A 313 10.88 9.83 -14.56
CA PRO A 313 11.62 9.08 -15.59
C PRO A 313 12.51 7.97 -15.03
N ALA A 314 13.13 8.19 -13.88
CA ALA A 314 14.02 7.18 -13.29
C ALA A 314 13.23 5.93 -12.92
N ILE A 315 12.08 6.14 -12.28
CA ILE A 315 11.21 5.02 -11.92
C ILE A 315 10.72 4.28 -13.16
N GLN A 316 10.34 5.02 -14.20
CA GLN A 316 9.91 4.41 -15.46
C GLN A 316 11.04 3.56 -16.05
N ASP A 317 12.27 4.09 -16.09
CA ASP A 317 13.37 3.32 -16.68
C ASP A 317 13.64 2.06 -15.88
N ALA A 318 13.61 2.17 -14.55
CA ALA A 318 13.78 1.02 -13.66
C ALA A 318 12.68 -0.02 -13.90
N TYR A 319 11.45 0.48 -13.92
CA TYR A 319 10.29 -0.36 -14.16
C TYR A 319 10.44 -1.20 -15.43
N MET A 320 10.85 -0.56 -16.52
CA MET A 320 10.95 -1.26 -17.79
C MET A 320 11.95 -2.44 -17.70
N HIS A 321 13.03 -2.23 -16.98
CA HIS A 321 13.99 -3.29 -16.81
C HIS A 321 13.47 -4.37 -15.87
N ILE A 322 12.91 -3.93 -14.74
CA ILE A 322 12.43 -4.85 -13.72
C ILE A 322 11.40 -5.79 -14.33
N THR A 323 10.46 -5.22 -15.10
CA THR A 323 9.42 -6.05 -15.68
C THR A 323 9.99 -7.08 -16.66
N SER A 324 11.00 -6.71 -17.46
CA SER A 324 11.59 -7.68 -18.42
C SER A 324 12.28 -8.84 -17.70
N VAL A 325 12.99 -8.50 -16.62
CA VAL A 325 13.67 -9.51 -15.79
C VAL A 325 12.64 -10.41 -15.09
N LEU A 326 11.56 -9.83 -14.54
CA LEU A 326 10.56 -10.66 -13.87
C LEU A 326 9.87 -11.61 -14.87
N LYS A 327 9.61 -11.14 -16.08
CA LYS A 327 8.92 -11.95 -17.13
C LYS A 327 9.67 -13.27 -17.36
N ILE A 328 10.98 -13.14 -17.40
CA ILE A 328 11.82 -14.29 -17.72
C ILE A 328 11.62 -15.42 -16.69
N PHE A 329 11.47 -15.07 -15.40
CA PHE A 329 11.26 -16.12 -14.38
C PHE A 329 9.91 -16.08 -13.65
N GLN A 330 8.89 -15.61 -14.36
CA GLN A 330 7.52 -15.55 -13.87
C GLN A 330 7.39 -14.88 -12.50
N GLY A 331 8.23 -13.88 -12.23
CA GLY A 331 8.02 -13.04 -11.07
C GLY A 331 6.93 -12.02 -11.36
N GLN A 332 6.36 -11.46 -10.29
CA GLN A 332 5.36 -10.41 -10.35
C GLN A 332 5.67 -9.23 -9.42
N ILE A 333 5.30 -8.02 -9.85
CA ILE A 333 5.27 -6.87 -8.99
C ILE A 333 3.91 -6.91 -8.31
N ASN A 334 3.88 -7.13 -7.00
CA ASN A 334 2.62 -7.09 -6.18
C ASN A 334 2.22 -5.66 -5.73
N LYS A 335 3.21 -4.85 -5.38
CA LYS A 335 2.98 -3.47 -4.94
C LYS A 335 4.18 -2.63 -5.27
N VAL A 336 3.93 -1.33 -5.47
CA VAL A 336 4.97 -0.32 -5.48
C VAL A 336 4.60 0.74 -4.46
N PHE A 337 5.57 1.16 -3.68
CA PHE A 337 5.39 2.03 -2.55
C PHE A 337 6.47 3.09 -2.60
N MET A 338 6.18 4.24 -2.05
CA MET A 338 7.19 5.29 -1.96
C MET A 338 6.90 6.30 -0.89
N PHE A 339 7.83 6.47 0.03
CA PHE A 339 7.71 7.56 1.00
C PHE A 339 8.98 8.37 0.97
N ASP A 340 9.73 8.39 2.07
N ASP A 340 9.72 8.37 2.08
CA ASP A 340 10.88 9.25 2.22
CA ASP A 340 10.98 9.11 2.25
C ASP A 340 12.11 8.38 2.02
C ASP A 340 11.97 8.87 1.13
N LYS A 341 11.86 7.09 2.09
N LYS A 341 11.74 9.49 -0.03
CA LYS A 341 12.90 6.06 2.06
CA LYS A 341 12.67 9.38 -1.13
C LYS A 341 13.26 5.60 0.67
C LYS A 341 12.60 8.06 -1.83
N GLY A 342 12.57 6.15 -0.34
N GLY A 342 12.57 6.98 -1.07
CA GLY A 342 12.78 5.75 -1.73
CA GLY A 342 12.78 5.64 -1.67
C GLY A 342 11.59 5.03 -2.34
C GLY A 342 11.56 5.02 -2.34
N CYS A 343 11.72 4.63 -3.61
CA CYS A 343 10.67 3.87 -4.31
C CYS A 343 10.93 2.39 -4.15
N SER A 344 9.97 1.65 -3.61
CA SER A 344 10.18 0.21 -3.40
CA SER A 344 10.14 0.22 -3.38
C SER A 344 9.20 -0.65 -4.19
N PHE A 345 9.74 -1.69 -4.80
CA PHE A 345 8.96 -2.64 -5.57
C PHE A 345 8.90 -3.93 -4.80
N LEU A 346 7.68 -4.33 -4.44
CA LEU A 346 7.50 -5.63 -3.79
C LEU A 346 7.29 -6.68 -4.84
N CYS A 347 8.33 -7.45 -5.16
CA CYS A 347 8.29 -8.49 -6.19
C CYS A 347 8.15 -9.86 -5.55
N VAL A 348 7.43 -10.75 -6.23
CA VAL A 348 7.10 -12.05 -5.69
C VAL A 348 7.29 -13.12 -6.76
N PHE A 349 8.02 -14.15 -6.36
CA PHE A 349 8.23 -15.38 -7.16
C PHE A 349 7.53 -16.56 -6.50
N GLY A 350 6.83 -17.36 -7.31
CA GLY A 350 5.96 -18.45 -6.81
C GLY A 350 4.50 -18.08 -6.46
N PHE A 351 3.91 -17.08 -7.13
CA PHE A 351 2.51 -16.66 -6.86
C PHE A 351 1.51 -17.74 -7.32
N PRO A 352 0.18 -17.44 -7.28
CA PRO A 352 -0.87 -18.33 -7.84
C PRO A 352 -0.58 -18.95 -9.20
N GLY A 353 -0.27 -20.25 -9.20
CA GLY A 353 -0.07 -21.02 -10.44
C GLY A 353 1.17 -20.62 -11.25
N GLU A 354 2.08 -19.86 -10.64
CA GLU A 354 3.28 -19.35 -11.31
C GLU A 354 4.57 -20.01 -10.76
N LYS A 355 4.42 -21.06 -9.93
CA LYS A 355 5.56 -21.72 -9.25
C LYS A 355 6.31 -22.73 -10.14
N VAL A 356 7.64 -22.59 -10.16
CA VAL A 356 8.55 -23.46 -10.91
C VAL A 356 9.79 -23.65 -10.01
N PRO A 357 10.42 -24.85 -10.03
CA PRO A 357 11.65 -25.06 -9.24
C PRO A 357 12.82 -24.13 -9.61
N ASP A 358 13.86 -24.14 -8.78
CA ASP A 358 14.97 -23.15 -8.83
C ASP A 358 14.46 -21.73 -8.62
N GLU A 359 13.31 -21.61 -7.97
CA GLU A 359 12.82 -20.29 -7.61
C GLU A 359 13.94 -19.48 -6.95
N LEU A 360 14.83 -20.15 -6.18
CA LEU A 360 15.84 -19.47 -5.34
C LEU A 360 17.06 -18.95 -6.09
N THR A 361 17.72 -19.81 -6.86
CA THR A 361 18.87 -19.38 -7.66
C THR A 361 18.43 -18.31 -8.66
N HIS A 362 17.30 -18.55 -9.31
CA HIS A 362 16.70 -17.57 -10.21
C HIS A 362 16.28 -16.26 -9.55
N ALA A 363 15.77 -16.32 -8.30
CA ALA A 363 15.41 -15.12 -7.56
C ALA A 363 16.68 -14.27 -7.30
N LEU A 364 17.76 -14.93 -6.90
CA LEU A 364 19.00 -14.22 -6.64
C LEU A 364 19.59 -13.62 -7.91
N GLU A 365 19.53 -14.37 -9.00
CA GLU A 365 20.08 -13.92 -10.30
C GLU A 365 19.22 -12.76 -10.80
N CYS A 366 17.92 -12.86 -10.63
CA CYS A 366 17.04 -11.74 -10.96
C CYS A 366 17.36 -10.48 -10.15
N ALA A 367 17.54 -10.66 -8.85
CA ALA A 367 17.89 -9.54 -7.97
C ALA A 367 19.19 -8.88 -8.44
N MET A 368 20.22 -9.68 -8.76
CA MET A 368 21.51 -9.10 -9.19
C MET A 368 21.37 -8.34 -10.51
N ASP A 369 20.62 -8.87 -11.44
CA ASP A 369 20.37 -8.22 -12.73
C ASP A 369 19.71 -6.84 -12.51
N ILE A 370 18.63 -6.85 -11.73
CA ILE A 370 17.94 -5.62 -11.36
C ILE A 370 18.91 -4.64 -10.69
N PHE A 371 19.68 -5.13 -9.73
CA PHE A 371 20.65 -4.30 -9.05
C PHE A 371 21.63 -3.64 -10.03
N ASP A 372 22.22 -4.45 -10.90
CA ASP A 372 23.25 -3.94 -11.82
C ASP A 372 22.67 -2.92 -12.78
N PHE A 373 21.51 -3.21 -13.33
CA PHE A 373 20.89 -2.30 -14.31
C PHE A 373 20.44 -1.01 -13.63
N CYS A 374 19.69 -1.15 -12.54
CA CYS A 374 19.11 0.04 -11.91
C CYS A 374 20.18 0.98 -11.32
N SER A 375 21.30 0.42 -10.92
CA SER A 375 22.41 1.22 -10.41
C SER A 375 22.94 2.20 -11.47
N GLN A 376 22.69 1.93 -12.75
CA GLN A 376 23.23 2.76 -13.83
C GLN A 376 22.17 3.66 -14.42
N VAL A 377 20.98 3.68 -13.81
CA VAL A 377 19.90 4.55 -14.23
C VAL A 377 20.16 5.95 -13.72
N HIS A 378 20.02 6.91 -14.63
CA HIS A 378 20.22 8.32 -14.30
C HIS A 378 19.33 8.70 -13.14
N LYS A 379 19.94 9.32 -12.14
CA LYS A 379 19.27 9.87 -10.97
C LYS A 379 18.98 8.87 -9.87
N ILE A 380 19.22 7.60 -10.13
CA ILE A 380 19.11 6.63 -9.05
C ILE A 380 20.46 6.61 -8.33
N GLN A 381 20.43 6.99 -7.06
CA GLN A 381 21.64 7.13 -6.25
C GLN A 381 22.09 5.81 -5.68
N THR A 382 21.14 5.05 -5.14
CA THR A 382 21.40 3.80 -4.47
C THR A 382 20.29 2.78 -4.75
N VAL A 383 20.69 1.55 -5.01
CA VAL A 383 19.77 0.44 -5.12
C VAL A 383 20.08 -0.55 -4.03
N SER A 384 19.03 -1.07 -3.39
CA SER A 384 19.15 -2.03 -2.31
C SER A 384 18.08 -3.08 -2.51
N ILE A 385 18.44 -4.35 -2.36
CA ILE A 385 17.49 -5.43 -2.60
C ILE A 385 17.54 -6.48 -1.53
N GLY A 386 16.36 -6.73 -0.92
CA GLY A 386 16.22 -7.79 0.07
C GLY A 386 15.48 -9.00 -0.45
N VAL A 387 16.03 -10.19 -0.20
CA VAL A 387 15.48 -11.46 -0.70
C VAL A 387 15.21 -12.38 0.48
N ALA A 388 13.93 -12.77 0.65
CA ALA A 388 13.53 -13.64 1.76
C ALA A 388 12.52 -14.64 1.24
N SER A 389 12.57 -15.87 1.75
CA SER A 389 11.78 -16.98 1.22
C SER A 389 11.10 -17.74 2.35
N GLY A 390 9.82 -18.02 2.16
CA GLY A 390 9.04 -18.75 3.18
C GLY A 390 7.56 -18.64 2.89
N ILE A 391 6.78 -19.08 3.86
CA ILE A 391 5.32 -19.10 3.74
C ILE A 391 4.73 -17.77 4.00
N VAL A 392 3.92 -17.27 3.05
CA VAL A 392 3.27 -15.98 3.26
C VAL A 392 1.78 -16.16 2.98
N PHE A 393 0.97 -15.31 3.59
CA PHE A 393 -0.44 -15.22 3.25
C PHE A 393 -0.62 -14.35 2.01
N CYS A 394 -1.42 -14.87 1.06
CA CYS A 394 -1.87 -14.13 -0.10
C CYS A 394 -3.40 -14.11 -0.07
N GLY A 395 -3.96 -12.98 -0.47
CA GLY A 395 -5.41 -12.91 -0.69
C GLY A 395 -5.86 -11.50 -1.01
N ILE A 396 -7.13 -11.39 -1.38
CA ILE A 396 -7.74 -10.12 -1.68
C ILE A 396 -8.22 -9.54 -0.35
N VAL A 397 -7.62 -8.41 0.03
CA VAL A 397 -7.90 -7.76 1.31
C VAL A 397 -8.64 -6.44 1.14
N GLY A 398 -9.64 -6.23 1.98
CA GLY A 398 -10.40 -4.98 2.00
C GLY A 398 -11.89 -5.20 2.04
N HIS A 399 -12.63 -4.25 1.46
CA HIS A 399 -14.07 -4.28 1.40
C HIS A 399 -14.52 -4.80 0.01
N THR A 400 -15.69 -5.42 -0.06
CA THR A 400 -16.31 -5.74 -1.34
C THR A 400 -16.14 -4.65 -2.40
N VAL A 401 -16.37 -3.39 -2.02
CA VAL A 401 -16.28 -2.29 -2.99
C VAL A 401 -14.89 -1.70 -3.23
N ARG A 402 -13.93 -2.05 -2.40
CA ARG A 402 -12.59 -1.48 -2.45
C ARG A 402 -11.63 -2.45 -1.73
N HIS A 403 -10.90 -3.22 -2.55
CA HIS A 403 -10.02 -4.27 -2.10
C HIS A 403 -8.86 -4.48 -3.04
N GLU A 404 -7.79 -5.14 -2.57
CA GLU A 404 -6.59 -5.35 -3.43
C GLU A 404 -5.96 -6.69 -3.04
N TYR A 405 -5.36 -7.34 -4.00
CA TYR A 405 -4.54 -8.50 -3.70
C TYR A 405 -3.29 -8.06 -2.96
N THR A 406 -3.02 -8.76 -1.87
CA THR A 406 -1.97 -8.37 -0.98
C THR A 406 -1.28 -9.62 -0.42
N VAL A 407 -0.02 -9.44 -0.09
CA VAL A 407 0.82 -10.48 0.51
C VAL A 407 1.23 -9.99 1.89
N ILE A 408 1.20 -10.90 2.86
CA ILE A 408 1.41 -10.55 4.27
C ILE A 408 2.22 -11.65 4.93
N GLY A 409 3.23 -11.27 5.70
CA GLY A 409 3.97 -12.28 6.44
C GLY A 409 5.32 -11.80 6.92
N GLN A 410 5.88 -12.57 7.86
CA GLN A 410 7.17 -12.20 8.44
C GLN A 410 8.26 -12.09 7.37
N LYS A 411 8.23 -12.95 6.36
CA LYS A 411 9.23 -12.88 5.29
C LYS A 411 9.10 -11.62 4.41
N VAL A 412 7.87 -11.11 4.24
CA VAL A 412 7.71 -9.85 3.53
C VAL A 412 8.35 -8.73 4.31
N ASN A 413 8.04 -8.67 5.62
CA ASN A 413 8.59 -7.64 6.50
C ASN A 413 10.14 -7.76 6.56
N LEU A 414 10.62 -8.99 6.56
CA LEU A 414 12.09 -9.24 6.66
C LEU A 414 12.76 -8.65 5.42
N ALA A 415 12.29 -9.02 4.23
CA ALA A 415 12.89 -8.49 2.99
C ALA A 415 12.86 -6.95 2.98
N ALA A 416 11.76 -6.36 3.47
CA ALA A 416 11.63 -4.90 3.49
C ALA A 416 12.62 -4.24 4.44
N ARG A 417 12.88 -4.90 5.56
CA ARG A 417 13.80 -4.35 6.53
C ARG A 417 15.23 -4.52 6.00
N MET A 418 15.52 -5.65 5.38
CA MET A 418 16.88 -5.91 4.81
C MET A 418 17.28 -4.85 3.80
N MET A 419 16.35 -4.48 2.92
CA MET A 419 16.70 -3.49 1.91
C MET A 419 17.05 -2.12 2.54
N MET A 420 16.49 -1.80 3.71
CA MET A 420 16.72 -0.50 4.35
C MET A 420 17.94 -0.53 5.27
N TYR A 421 18.12 -1.63 6.00
CA TYR A 421 19.22 -1.75 6.95
C TYR A 421 20.52 -2.22 6.30
N TYR A 422 20.45 -2.77 5.09
CA TYR A 422 21.64 -3.10 4.33
C TYR A 422 21.62 -2.44 2.97
N PRO A 423 21.78 -1.12 2.94
CA PRO A 423 21.66 -0.38 1.69
C PRO A 423 22.79 -0.67 0.72
N GLY A 424 22.50 -0.54 -0.57
CA GLY A 424 23.54 -0.60 -1.60
C GLY A 424 24.00 -1.99 -2.03
N ILE A 425 23.37 -3.02 -1.48
CA ILE A 425 23.71 -4.40 -1.81
C ILE A 425 22.46 -5.29 -1.95
N VAL A 426 22.68 -6.49 -2.45
CA VAL A 426 21.63 -7.50 -2.53
C VAL A 426 21.84 -8.41 -1.32
N THR A 427 20.81 -8.53 -0.48
CA THR A 427 20.88 -9.41 0.70
C THR A 427 19.86 -10.54 0.58
N CYS A 428 20.14 -11.64 1.28
CA CYS A 428 19.20 -12.75 1.35
C CYS A 428 19.20 -13.41 2.72
N ASP A 429 18.11 -14.10 3.02
CA ASP A 429 17.96 -14.79 4.29
C ASP A 429 18.60 -16.20 4.20
N SER A 430 18.55 -16.94 5.31
CA SER A 430 19.13 -18.29 5.38
C SER A 430 18.42 -19.32 4.53
N VAL A 431 17.08 -19.23 4.44
CA VAL A 431 16.35 -20.16 3.57
C VAL A 431 16.87 -20.05 2.15
N THR A 432 17.02 -18.81 1.67
CA THR A 432 17.43 -18.56 0.28
C THR A 432 18.86 -19.02 0.05
N TYR A 433 19.75 -18.66 0.98
CA TYR A 433 21.17 -19.02 0.88
C TYR A 433 21.35 -20.54 0.80
N ASN A 434 20.84 -21.23 1.82
CA ASN A 434 20.95 -22.69 1.92
C ASN A 434 20.26 -23.43 0.78
N GLY A 435 19.08 -22.96 0.42
CA GLY A 435 18.30 -23.58 -0.63
C GLY A 435 18.95 -23.48 -2.00
N SER A 436 19.59 -22.35 -2.30
CA SER A 436 20.18 -22.13 -3.63
C SER A 436 21.23 -23.20 -4.00
N ASN A 437 21.89 -23.73 -2.99
CA ASN A 437 23.04 -24.63 -3.18
C ASN A 437 24.15 -24.07 -4.09
N LEU A 438 23.97 -22.83 -4.55
CA LEU A 438 25.03 -22.08 -5.23
C LEU A 438 26.26 -22.13 -4.37
N PRO A 439 27.45 -21.99 -4.97
CA PRO A 439 28.65 -22.13 -4.13
C PRO A 439 28.72 -21.05 -3.05
N ALA A 440 29.29 -21.39 -1.90
CA ALA A 440 29.26 -20.49 -0.76
C ALA A 440 30.00 -19.17 -1.00
N TYR A 441 31.06 -19.17 -1.82
CA TYR A 441 31.82 -17.95 -2.15
C TYR A 441 31.03 -16.92 -3.02
N PHE A 442 29.85 -17.31 -3.50
CA PHE A 442 28.96 -16.33 -4.15
C PHE A 442 28.30 -15.40 -3.13
N PHE A 443 28.51 -15.68 -1.85
CA PHE A 443 27.89 -14.88 -0.78
C PHE A 443 28.90 -14.30 0.19
N LYS A 444 28.45 -13.32 0.96
CA LYS A 444 29.17 -12.83 2.14
C LYS A 444 28.25 -12.92 3.37
N GLU A 445 28.70 -13.59 4.43
CA GLU A 445 27.94 -13.65 5.68
C GLU A 445 27.98 -12.27 6.36
N LEU A 446 26.82 -11.75 6.72
CA LEU A 446 26.77 -10.37 7.21
C LEU A 446 26.69 -10.23 8.74
N PRO A 447 27.14 -9.08 9.24
CA PRO A 447 26.86 -8.73 10.63
C PRO A 447 25.35 -8.76 10.91
N LYS A 448 24.98 -9.23 12.08
CA LYS A 448 23.59 -9.22 12.53
C LYS A 448 23.21 -7.78 12.92
N LYS A 449 22.08 -7.29 12.45
CA LYS A 449 21.60 -5.95 12.80
C LYS A 449 20.25 -6.08 13.48
N VAL A 450 20.00 -5.26 14.49
CA VAL A 450 18.68 -5.26 15.13
C VAL A 450 17.78 -4.41 14.24
N MET A 451 16.75 -5.04 13.65
CA MET A 451 15.88 -4.35 12.70
C MET A 451 14.46 -4.26 13.27
N LYS A 452 13.91 -3.05 13.24
CA LYS A 452 12.59 -2.78 13.80
C LYS A 452 11.55 -3.69 13.18
N GLY A 453 10.91 -4.49 14.03
CA GLY A 453 9.79 -5.34 13.60
C GLY A 453 10.15 -6.79 13.37
N VAL A 454 11.43 -7.13 13.45
CA VAL A 454 11.88 -8.52 13.32
C VAL A 454 12.68 -8.96 14.54
N ALA A 455 12.30 -10.11 15.09
CA ALA A 455 13.10 -10.80 16.11
C ALA A 455 13.64 -12.06 15.49
N ASP A 456 14.92 -12.35 15.73
CA ASP A 456 15.61 -13.47 15.11
C ASP A 456 15.35 -13.55 13.60
N SER A 457 16.12 -12.78 12.85
CA SER A 457 16.08 -12.85 11.40
C SER A 457 16.75 -14.11 10.87
N GLY A 458 17.60 -14.73 11.70
CA GLY A 458 18.46 -15.84 11.26
C GLY A 458 19.72 -15.24 10.64
N PRO A 459 20.73 -16.07 10.30
CA PRO A 459 21.87 -15.52 9.58
C PRO A 459 21.44 -14.88 8.26
N LEU A 460 21.99 -13.70 7.97
CA LEU A 460 21.76 -12.99 6.72
C LEU A 460 23.05 -12.93 5.89
N TYR A 461 22.87 -12.80 4.57
CA TYR A 461 23.95 -12.89 3.59
C TYR A 461 23.83 -11.81 2.54
N GLN A 462 24.95 -11.37 2.01
CA GLN A 462 25.02 -10.60 0.83
C GLN A 462 25.24 -11.57 -0.32
N TYR A 463 24.52 -11.34 -1.42
CA TYR A 463 24.75 -12.07 -2.64
C TYR A 463 25.79 -11.24 -3.35
N TRP A 464 27.02 -11.74 -3.34
CA TRP A 464 28.16 -11.04 -3.87
C TRP A 464 28.20 -11.22 -5.37
N GLY A 465 27.79 -12.39 -5.83
CA GLY A 465 27.72 -12.68 -7.26
C GLY A 465 28.77 -13.69 -7.67
N ARG A 466 28.89 -13.93 -8.97
CA ARG A 466 29.69 -15.05 -9.49
C ARG A 466 31.21 -14.81 -9.46
N THR A 467 31.62 -13.55 -9.31
CA THR A 467 33.05 -13.19 -9.44
C THR A 467 33.48 -12.28 -8.27
N GLU A 468 34.78 -12.22 -8.01
CA GLU A 468 35.26 -11.34 -6.93
C GLU A 468 34.95 -9.92 -7.26
N LYS A 469 35.14 -9.54 -8.53
CA LYS A 469 34.77 -8.22 -9.07
C LYS A 469 33.67 -7.53 -8.28
#